data_6N87
#
_entry.id   6N87
#
_cell.length_a   71.567
_cell.length_b   37.755
_cell.length_c   142.176
_cell.angle_alpha   90.00
_cell.angle_beta   94.13
_cell.angle_gamma   90.00
#
_symmetry.space_group_name_H-M   'I 1 2 1'
#
loop_
_entity.id
_entity.type
_entity.pdbx_description
1 polymer 'Apical membrane antigen-1'
2 polymer 'backbone-cyclised peptide bcRON2hp'
3 non-polymer 'S-[(1-oxyl-2,2,5,5-tetramethyl-2,5-dihydro-1H-pyrrol-3-yl)methyl] methanesulfonothioate'
4 water water
#
loop_
_entity_poly.entity_id
_entity_poly.type
_entity_poly.pdbx_seq_one_letter_code
_entity_poly.pdbx_strand_id
1 'polypeptide(L)'
;GNYMGNPWTEYMAKYDIEEVHGSGIRVDLGEDAEVAGTQYRLPSGKCPVFGKGIIIENSNTTFLKPVATGNQDLKDGGFA
FPPTNPLISPMTLNGMRDFYKNNEYVKNLDELTLCSRHAGNMNPDNDKNSNYKYPAVYDYNDKKCHILYIAAQENNGPRY
CNKDQSKRNSMFCFRPAKDKLFENYTYLSKNVVDNWEEVCPRKNLENAKFGLWVDGNCEDIPHVNEFSANDLFECNKLVF
ELSASDQPKQYEQHLTDYEKIKEGFKNKNASMIKSAFLPTGAFKADRYKSHGKGYNWGNYNRETQKCEIFNVKPTCLINN
SSYIATTALSHPIEVE
;
A
2 'polypeptide(L)' CWTTRMSPPMQIP C
#
# COMPACT_ATOMS: atom_id res chain seq x y z
N ASN A 6 -21.79 8.80 21.60
CA ASN A 6 -21.71 7.75 20.59
C ASN A 6 -21.11 6.47 21.19
N PRO A 7 -21.95 5.46 21.39
CA PRO A 7 -21.45 4.16 21.88
C PRO A 7 -20.53 3.47 20.88
N TRP A 8 -20.46 3.97 19.64
CA TRP A 8 -19.66 3.36 18.60
C TRP A 8 -18.23 3.89 18.54
N THR A 9 -17.87 4.89 19.33
CA THR A 9 -16.59 5.58 19.12
C THR A 9 -15.39 4.64 19.10
N GLU A 10 -15.21 3.83 20.14
CA GLU A 10 -14.03 2.96 20.16
C GLU A 10 -14.07 1.93 19.02
N TYR A 11 -15.22 1.27 18.82
CA TYR A 11 -15.33 0.29 17.76
C TYR A 11 -14.98 0.90 16.40
N MET A 12 -15.48 2.12 16.14
CA MET A 12 -15.33 2.68 14.79
C MET A 12 -14.00 3.38 14.58
N ALA A 13 -13.16 3.48 15.59
CA ALA A 13 -11.94 4.26 15.43
C ALA A 13 -11.11 3.74 14.28
N LYS A 14 -11.09 2.40 14.08
CA LYS A 14 -10.24 1.86 13.03
C LYS A 14 -10.74 2.19 11.64
N TYR A 15 -11.95 2.73 11.52
CA TYR A 15 -12.46 3.16 10.22
C TYR A 15 -12.22 4.63 9.96
N ASP A 16 -11.59 5.35 10.89
CA ASP A 16 -11.18 6.73 10.64
C ASP A 16 -9.82 6.68 9.97
N ILE A 17 -9.85 6.41 8.66
CA ILE A 17 -8.64 6.07 7.91
C ILE A 17 -7.67 7.25 7.81
N GLU A 18 -8.17 8.49 7.74
CA GLU A 18 -7.29 9.65 7.89
C GLU A 18 -6.46 9.56 9.17
N GLU A 19 -7.10 9.17 10.27
CA GLU A 19 -6.38 9.18 11.52
C GLU A 19 -5.48 7.95 11.63
N VAL A 20 -6.01 6.79 11.32
CA VAL A 20 -5.25 5.60 11.67
C VAL A 20 -4.24 5.23 10.59
N HIS A 21 -4.50 5.58 9.36
CA HIS A 21 -3.59 5.27 8.27
C HIS A 21 -2.81 6.51 7.86
N GLY A 22 -3.51 7.59 7.55
CA GLY A 22 -2.85 8.88 7.40
C GLY A 22 -2.09 9.12 6.11
N SER A 23 -2.31 8.32 5.07
CA SER A 23 -1.61 8.51 3.82
C SER A 23 -2.47 7.94 2.71
N GLY A 24 -1.94 8.00 1.48
CA GLY A 24 -2.63 7.36 0.39
C GLY A 24 -2.77 5.86 0.60
N ILE A 25 -3.70 5.28 -0.14
CA ILE A 25 -3.94 3.83 -0.10
C ILE A 25 -3.69 3.26 -1.49
N ARG A 26 -4.40 3.75 -2.51
CA ARG A 26 -4.12 3.31 -3.87
C ARG A 26 -2.67 3.55 -4.23
N VAL A 27 -2.24 4.80 -4.08
CA VAL A 27 -0.83 5.18 -4.14
C VAL A 27 -0.50 5.86 -2.83
N ASP A 28 0.41 5.24 -2.06
CA ASP A 28 0.87 5.79 -0.79
C ASP A 28 2.25 6.39 -1.01
N LEU A 29 2.33 7.70 -1.00
CA LEU A 29 3.61 8.40 -1.12
C LEU A 29 3.55 9.59 -0.18
N GLY A 30 3.23 9.30 1.07
CA GLY A 30 2.89 10.38 2.03
C GLY A 30 4.03 11.07 2.74
N GLU A 31 5.26 10.63 2.51
CA GLU A 31 6.42 11.30 3.06
C GLU A 31 7.49 11.46 1.98
N ASP A 32 8.55 12.20 2.34
CA ASP A 32 9.74 12.34 1.52
C ASP A 32 10.92 12.02 2.41
N ALA A 33 11.98 11.47 1.81
CA ALA A 33 13.18 11.15 2.60
C ALA A 33 14.41 11.31 1.71
N GLU A 34 15.53 11.73 2.29
CA GLU A 34 16.76 11.92 1.51
C GLU A 34 17.56 10.63 1.36
N VAL A 35 18.12 10.45 0.18
CA VAL A 35 19.14 9.42 -0.04
C VAL A 35 20.32 10.11 -0.71
N ALA A 36 21.46 10.12 -0.04
CA ALA A 36 22.63 10.83 -0.53
C ALA A 36 22.26 12.28 -0.87
N GLY A 37 21.54 12.92 0.06
CA GLY A 37 21.24 14.33 -0.08
C GLY A 37 20.19 14.74 -1.11
N THR A 38 19.54 13.81 -1.80
CA THR A 38 18.41 14.13 -2.66
C THR A 38 17.14 13.52 -2.07
N GLN A 39 16.05 14.30 -2.09
CA GLN A 39 14.79 13.81 -1.52
C GLN A 39 14.03 12.99 -2.53
N TYR A 40 13.41 11.94 -2.02
CA TYR A 40 12.58 11.02 -2.79
C TYR A 40 11.26 10.79 -2.08
N ARG A 41 10.21 10.57 -2.86
CA ARG A 41 8.92 10.22 -2.24
C ARG A 41 8.93 8.78 -1.76
N LEU A 42 8.19 8.50 -0.69
CA LEU A 42 8.09 7.09 -0.28
C LEU A 42 6.84 6.86 0.54
N PRO A 43 6.41 5.61 0.64
CA PRO A 43 5.19 5.28 1.36
C PRO A 43 5.30 5.55 2.85
N SER A 44 4.16 5.91 3.44
CA SER A 44 4.16 6.26 4.86
C SER A 44 2.85 5.88 5.59
N GLY A 45 1.97 5.13 4.97
CA GLY A 45 0.70 4.79 5.64
C GLY A 45 0.94 3.91 6.86
N LYS A 46 0.15 4.16 7.92
CA LYS A 46 0.35 3.38 9.13
C LYS A 46 -0.37 2.03 9.14
N CYS A 47 -1.30 1.79 8.25
CA CYS A 47 -2.00 0.51 8.18
C CYS A 47 -1.49 -0.35 7.04
N PRO A 48 -1.54 -1.67 7.19
CA PRO A 48 -1.26 -2.56 6.05
C PRO A 48 -2.39 -2.49 5.03
N VAL A 49 -2.07 -2.66 3.77
CA VAL A 49 -3.11 -2.65 2.72
C VAL A 49 -3.29 -4.09 2.24
N PHE A 50 -4.40 -4.75 2.65
CA PHE A 50 -4.59 -6.18 2.35
C PHE A 50 -5.03 -6.37 0.90
N GLY A 51 -4.28 -7.19 0.18
CA GLY A 51 -4.62 -7.56 -1.15
C GLY A 51 -4.10 -6.63 -2.24
N LYS A 52 -3.28 -5.62 -1.90
CA LYS A 52 -2.72 -4.73 -2.90
C LYS A 52 -1.46 -5.30 -3.54
N GLY A 53 -1.41 -5.24 -4.86
CA GLY A 53 -0.13 -5.48 -5.55
C GLY A 53 0.00 -4.47 -6.70
N ILE A 54 1.03 -4.66 -7.51
CA ILE A 54 1.27 -3.79 -8.67
C ILE A 54 1.21 -4.68 -9.90
N ILE A 55 0.36 -4.29 -10.86
CA ILE A 55 0.32 -4.96 -12.17
C ILE A 55 1.31 -4.26 -13.08
N ILE A 56 2.21 -5.02 -13.71
CA ILE A 56 3.15 -4.46 -14.68
C ILE A 56 2.52 -4.67 -16.06
N GLU A 57 2.23 -3.57 -16.76
CA GLU A 57 1.49 -3.64 -18.02
C GLU A 57 2.43 -4.15 -19.11
N ASN A 58 1.86 -4.80 -20.13
CA ASN A 58 2.65 -5.19 -21.32
C ASN A 58 3.96 -5.90 -20.92
N SER A 59 3.89 -6.69 -19.86
CA SER A 59 5.02 -7.50 -19.47
C SER A 59 4.50 -8.76 -18.81
N ASN A 60 5.21 -9.86 -19.01
CA ASN A 60 4.92 -11.11 -18.31
C ASN A 60 5.50 -11.13 -16.90
N THR A 61 6.41 -10.20 -16.58
CA THR A 61 7.07 -10.18 -15.28
C THR A 61 6.14 -9.69 -14.17
N THR A 62 6.15 -10.38 -13.02
CA THR A 62 5.35 -9.98 -11.89
C THR A 62 6.18 -9.15 -10.89
N PHE A 63 5.48 -8.33 -10.11
CA PHE A 63 6.19 -7.20 -9.49
C PHE A 63 7.06 -7.63 -8.34
N LEU A 64 6.91 -8.85 -7.82
CA LEU A 64 7.83 -9.30 -6.79
C LEU A 64 9.11 -9.89 -7.35
N LYS A 65 9.26 -9.99 -8.67
CA LYS A 65 10.57 -10.31 -9.20
C LYS A 65 11.54 -9.18 -8.82
N PRO A 66 12.81 -9.50 -8.63
CA PRO A 66 13.83 -8.47 -8.38
C PRO A 66 13.86 -7.39 -9.45
N VAL A 67 14.07 -6.16 -8.98
CA VAL A 67 14.41 -5.07 -9.87
C VAL A 67 15.52 -5.52 -10.82
N ALA A 68 15.46 -5.00 -12.05
CA ALA A 68 16.44 -5.31 -13.06
C ALA A 68 17.82 -4.81 -12.64
N THR A 69 18.81 -5.69 -12.70
CA THR A 69 20.21 -5.33 -12.49
C THR A 69 21.08 -5.95 -13.58
N GLY A 70 22.39 -5.78 -13.47
CA GLY A 70 23.26 -6.30 -14.52
C GLY A 70 22.90 -5.68 -15.86
N ASN A 71 22.70 -6.55 -16.87
CA ASN A 71 22.38 -6.11 -18.23
C ASN A 71 20.87 -6.09 -18.52
N GLN A 72 20.03 -6.28 -17.50
CA GLN A 72 18.59 -6.34 -17.65
C GLN A 72 18.02 -4.94 -17.76
N ASP A 73 17.10 -4.71 -18.69
CA ASP A 73 16.38 -3.44 -18.73
C ASP A 73 15.39 -3.34 -17.59
N LEU A 74 15.17 -2.10 -17.11
CA LEU A 74 14.24 -1.86 -16.01
C LEU A 74 12.86 -2.40 -16.33
N LYS A 75 12.36 -2.17 -17.56
CA LYS A 75 11.00 -2.60 -17.88
C LYS A 75 10.81 -4.12 -17.81
N ASP A 76 11.89 -4.90 -17.82
CA ASP A 76 11.79 -6.35 -17.83
C ASP A 76 11.94 -6.98 -16.46
N GLY A 77 12.25 -6.20 -15.44
CA GLY A 77 12.34 -6.71 -14.09
C GLY A 77 11.11 -6.40 -13.27
N GLY A 78 11.22 -6.66 -11.97
CA GLY A 78 10.17 -6.32 -11.04
C GLY A 78 10.50 -5.16 -10.15
N PHE A 79 9.92 -5.16 -8.97
CA PHE A 79 10.10 -4.09 -7.99
C PHE A 79 10.93 -4.49 -6.78
N ALA A 80 11.25 -5.76 -6.63
CA ALA A 80 11.74 -6.20 -5.33
C ALA A 80 13.26 -6.02 -5.19
N PHE A 81 13.73 -6.21 -3.95
CA PHE A 81 15.17 -6.15 -3.72
C PHE A 81 15.88 -7.20 -4.57
N PRO A 82 17.02 -6.86 -5.14
CA PRO A 82 17.82 -7.86 -5.82
C PRO A 82 18.52 -8.76 -4.81
N PRO A 83 18.94 -9.93 -5.26
CA PRO A 83 19.52 -10.91 -4.32
C PRO A 83 20.80 -10.38 -3.70
N THR A 84 20.95 -10.61 -2.41
CA THR A 84 22.13 -10.15 -1.69
C THR A 84 22.76 -11.32 -0.99
N ASN A 85 23.96 -11.08 -0.45
CA ASN A 85 24.71 -12.05 0.34
C ASN A 85 25.19 -11.32 1.59
N PRO A 86 24.64 -11.62 2.77
CA PRO A 86 23.64 -12.67 2.99
C PRO A 86 22.29 -12.30 2.34
N LEU A 87 21.46 -13.30 2.03
CA LEU A 87 20.18 -13.02 1.35
C LEU A 87 19.17 -12.44 2.32
N ILE A 88 18.78 -11.19 2.13
CA ILE A 88 17.85 -10.59 3.07
C ILE A 88 16.52 -10.31 2.44
N SER A 89 16.36 -10.52 1.12
CA SER A 89 14.98 -10.44 0.62
C SER A 89 14.93 -11.35 -0.59
N PRO A 90 13.89 -12.13 -0.78
CA PRO A 90 12.80 -12.33 0.18
C PRO A 90 13.31 -13.08 1.37
N MET A 91 12.59 -12.94 2.48
CA MET A 91 12.97 -13.70 3.68
C MET A 91 11.69 -14.21 4.32
N THR A 92 11.70 -15.47 4.74
CA THR A 92 10.50 -16.00 5.39
C THR A 92 10.31 -15.37 6.77
N LEU A 93 9.09 -15.51 7.27
CA LEU A 93 8.83 -15.07 8.65
C LEU A 93 9.78 -15.78 9.63
N ASN A 94 9.94 -17.11 9.51
CA ASN A 94 10.86 -17.77 10.40
C ASN A 94 12.29 -17.29 10.21
N GLY A 95 12.67 -17.02 8.96
CA GLY A 95 13.97 -16.46 8.70
C GLY A 95 14.18 -15.10 9.36
N MET A 96 13.17 -14.23 9.30
CA MET A 96 13.27 -12.91 9.97
C MET A 96 13.34 -13.07 11.48
N ARG A 97 12.52 -13.96 12.05
CA ARG A 97 12.59 -14.14 13.48
C ARG A 97 13.95 -14.62 13.90
N ASP A 98 14.56 -15.50 13.11
CA ASP A 98 15.89 -15.98 13.45
C ASP A 98 16.92 -14.88 13.31
N PHE A 99 16.81 -14.10 12.23
CA PHE A 99 17.77 -13.01 11.96
C PHE A 99 17.79 -12.01 13.12
N TYR A 100 16.62 -11.74 13.69
CA TYR A 100 16.50 -10.78 14.78
C TYR A 100 16.35 -11.43 16.16
N LYS A 101 16.84 -12.66 16.33
CA LYS A 101 16.55 -13.40 17.57
C LYS A 101 17.14 -12.76 18.81
N ASN A 102 18.17 -11.95 18.68
CA ASN A 102 18.72 -11.28 19.86
C ASN A 102 18.04 -9.97 20.20
N ASN A 103 17.18 -9.46 19.33
CA ASN A 103 16.57 -8.13 19.48
C ASN A 103 15.13 -8.28 19.96
N GLU A 104 14.95 -8.17 21.25
CA GLU A 104 13.63 -8.36 21.84
C GLU A 104 12.64 -7.31 21.36
N TYR A 105 13.11 -6.25 20.71
CA TYR A 105 12.18 -5.21 20.27
C TYR A 105 11.59 -5.51 18.91
N VAL A 106 12.13 -6.50 18.21
CA VAL A 106 11.79 -6.85 16.85
C VAL A 106 11.33 -8.30 16.71
N LYS A 107 11.93 -9.20 17.48
CA LYS A 107 11.82 -10.62 17.12
C LYS A 107 10.42 -11.17 17.30
N ASN A 108 9.59 -10.51 18.10
CA ASN A 108 8.23 -11.00 18.31
C ASN A 108 7.18 -10.14 17.64
N LEU A 109 7.58 -9.19 16.81
CA LEU A 109 6.56 -8.42 16.10
C LEU A 109 5.68 -9.34 15.26
N ASP A 110 4.45 -8.92 15.03
CA ASP A 110 3.66 -9.68 14.09
C ASP A 110 4.30 -9.63 12.72
N GLU A 111 3.86 -10.55 11.85
CA GLU A 111 4.48 -10.78 10.55
CA GLU A 111 4.57 -10.75 10.60
C GLU A 111 4.55 -9.50 9.72
N LEU A 112 3.47 -8.71 9.72
CA LEU A 112 3.42 -7.50 8.88
C LEU A 112 4.35 -6.42 9.43
N THR A 113 4.24 -6.11 10.72
CA THR A 113 5.17 -5.13 11.28
C THR A 113 6.63 -5.60 11.15
N LEU A 114 6.88 -6.89 11.42
CA LEU A 114 8.25 -7.37 11.31
C LEU A 114 8.76 -7.16 9.88
N CYS A 115 7.92 -7.47 8.88
CA CYS A 115 8.38 -7.29 7.50
C CYS A 115 8.66 -5.81 7.21
N SER A 116 7.80 -4.93 7.71
CA SER A 116 8.02 -3.49 7.58
C SER A 116 9.34 -3.09 8.25
N ARG A 117 9.57 -3.57 9.48
N ARG A 117 9.58 -3.58 9.46
CA ARG A 117 10.82 -3.21 10.16
CA ARG A 117 10.82 -3.21 10.16
C ARG A 117 12.04 -3.81 9.48
C ARG A 117 12.04 -3.80 9.48
N HIS A 118 11.92 -4.99 8.91
CA HIS A 118 13.07 -5.58 8.21
C HIS A 118 13.40 -4.78 6.96
N ALA A 119 12.37 -4.41 6.17
CA ALA A 119 12.61 -3.52 5.04
C ALA A 119 13.24 -2.22 5.51
N GLY A 120 12.73 -1.66 6.62
CA GLY A 120 13.27 -0.38 7.12
C GLY A 120 14.63 -0.48 7.75
N ASN A 121 15.18 -1.69 7.89
CA ASN A 121 16.54 -1.90 8.39
C ASN A 121 17.62 -1.63 7.33
N MET A 122 17.26 -1.59 6.03
CA MET A 122 18.27 -1.55 4.97
C MET A 122 18.50 -0.11 4.54
N ASN A 123 19.56 0.49 5.08
CA ASN A 123 19.86 1.90 4.78
C ASN A 123 20.57 1.99 3.43
N PRO A 124 20.01 2.72 2.44
CA PRO A 124 20.68 2.86 1.14
C PRO A 124 21.82 3.85 1.17
N ASP A 125 21.96 4.60 2.27
CA ASP A 125 23.08 5.52 2.51
C ASP A 125 24.07 4.74 3.35
N ASN A 126 25.02 4.09 2.69
CA ASN A 126 26.05 3.36 3.42
C ASN A 126 26.88 4.29 4.28
N ASP A 127 26.74 5.61 4.10
CA ASP A 127 27.55 6.60 4.78
C ASP A 127 26.83 7.36 5.88
N LYS A 128 25.50 7.32 5.94
CA LYS A 128 24.83 8.06 7.00
C LYS A 128 23.73 7.26 7.71
N SER A 130 20.38 8.33 7.09
CA SER A 130 19.27 8.48 6.18
C SER A 130 17.98 7.98 6.83
N ASN A 131 16.86 8.60 6.46
CA ASN A 131 15.55 8.15 6.90
C ASN A 131 14.78 7.43 5.79
N TYR A 132 15.40 7.17 4.65
CA TYR A 132 14.70 6.50 3.56
C TYR A 132 14.51 5.02 3.91
N LYS A 133 13.26 4.56 3.92
CA LYS A 133 12.94 3.19 4.33
C LYS A 133 12.02 2.58 3.29
N TYR A 134 12.51 1.51 2.66
CA TYR A 134 11.78 0.89 1.58
C TYR A 134 10.45 0.33 2.11
N PRO A 135 9.44 0.35 1.28
CA PRO A 135 8.23 -0.43 1.59
C PRO A 135 8.44 -1.90 1.26
N ALA A 136 7.40 -2.71 1.53
CA ALA A 136 7.59 -4.16 1.47
C ALA A 136 6.23 -4.79 1.15
N VAL A 137 6.29 -6.04 0.73
CA VAL A 137 5.08 -6.85 0.59
C VAL A 137 5.30 -8.12 1.40
N TYR A 138 4.33 -8.46 2.24
CA TYR A 138 4.32 -9.75 2.91
C TYR A 138 3.31 -10.62 2.20
N ASP A 139 3.75 -11.76 1.74
CA ASP A 139 2.93 -12.76 1.08
C ASP A 139 2.53 -13.83 2.08
N TYR A 140 1.25 -13.83 2.45
CA TYR A 140 0.74 -14.84 3.39
C TYR A 140 0.77 -16.26 2.82
N ASN A 141 0.83 -16.42 1.51
CA ASN A 141 0.82 -17.77 0.97
C ASN A 141 2.10 -18.51 1.33
N ASP A 142 3.25 -17.88 1.12
CA ASP A 142 4.47 -18.61 1.45
C ASP A 142 5.21 -17.98 2.61
N LYS A 143 4.55 -17.07 3.33
CA LYS A 143 5.07 -16.47 4.56
C LYS A 143 6.42 -15.79 4.28
N LYS A 144 6.47 -15.06 3.20
CA LYS A 144 7.68 -14.36 2.79
C LYS A 144 7.49 -12.85 2.74
N CYS A 145 8.51 -12.14 3.28
CA CYS A 145 8.61 -10.69 3.24
C CYS A 145 9.48 -10.34 2.04
N HIS A 146 8.97 -9.50 1.14
CA HIS A 146 9.74 -9.02 0.00
C HIS A 146 9.97 -7.53 0.21
N ILE A 147 11.22 -7.11 0.32
CA ILE A 147 11.48 -5.68 0.36
C ILE A 147 11.33 -5.14 -1.03
N LEU A 148 10.59 -4.02 -1.17
CA LEU A 148 10.45 -3.41 -2.49
C LEU A 148 11.54 -2.36 -2.69
N TYR A 149 12.45 -2.62 -3.59
CA TYR A 149 13.44 -1.62 -3.94
C TYR A 149 12.80 -0.43 -4.65
N ILE A 150 11.81 -0.70 -5.50
CA ILE A 150 11.03 0.35 -6.20
C ILE A 150 9.82 0.69 -5.34
N ALA A 151 9.73 1.97 -4.95
CA ALA A 151 8.61 2.43 -4.13
C ALA A 151 7.49 3.05 -4.96
N ALA A 152 7.73 3.24 -6.25
CA ALA A 152 6.69 3.71 -7.14
C ALA A 152 5.56 2.71 -7.19
N GLN A 153 4.35 3.20 -7.47
CA GLN A 153 3.21 2.32 -7.50
C GLN A 153 2.36 2.51 -8.75
N GLU A 154 2.47 3.65 -9.43
CA GLU A 154 1.74 3.82 -10.69
C GLU A 154 2.56 4.63 -11.67
N ASN A 155 2.60 4.13 -12.90
CA ASN A 155 3.15 4.85 -14.01
C ASN A 155 2.41 4.30 -15.23
N ASN A 156 1.33 4.98 -15.61
CA ASN A 156 0.46 4.41 -16.62
C ASN A 156 -0.28 5.46 -17.42
N GLY A 157 0.30 6.65 -17.57
CA GLY A 157 -0.35 7.70 -18.33
C GLY A 157 -0.28 7.47 -19.83
N PRO A 158 -1.15 8.20 -20.52
CA PRO A 158 -1.27 8.04 -21.97
C PRO A 158 0.00 8.45 -22.71
N ARG A 159 0.83 9.33 -22.14
CA ARG A 159 1.97 9.87 -22.88
C ARG A 159 2.93 8.78 -23.33
N TYR A 160 3.36 7.92 -22.41
CA TYR A 160 4.27 6.82 -22.75
C TYR A 160 3.67 5.43 -22.57
N CYS A 161 2.51 5.31 -21.94
CA CYS A 161 1.91 4.02 -21.61
C CYS A 161 0.56 3.80 -22.30
N ASN A 169 6.47 0.13 -25.76
CA ASN A 169 7.46 1.12 -25.38
C ASN A 169 8.69 0.48 -24.72
N SER A 170 9.77 1.25 -24.64
CA SER A 170 10.77 0.97 -23.62
C SER A 170 10.26 1.31 -22.22
N MET A 171 9.06 1.90 -22.12
CA MET A 171 8.58 2.42 -20.85
C MET A 171 8.13 1.30 -19.93
N PHE A 172 8.47 1.45 -18.64
CA PHE A 172 8.02 0.56 -17.58
C PHE A 172 6.66 1.09 -17.11
N CYS A 173 5.57 0.39 -17.47
CA CYS A 173 4.21 0.88 -17.19
C CYS A 173 3.56 -0.02 -16.15
N PHE A 174 2.94 0.57 -15.14
CA PHE A 174 2.41 -0.25 -14.06
C PHE A 174 1.34 0.52 -13.30
N ARG A 175 0.56 -0.22 -12.51
CA ARG A 175 -0.52 0.39 -11.75
C ARG A 175 -0.85 -0.45 -10.54
N PRO A 176 -1.36 0.16 -9.49
CA PRO A 176 -1.72 -0.61 -8.30
C PRO A 176 -3.12 -1.18 -8.46
N ALA A 177 -3.34 -2.32 -7.81
CA ALA A 177 -4.67 -2.91 -7.89
C ALA A 177 -4.87 -3.95 -6.80
N LYS A 178 -6.14 -4.21 -6.51
CA LYS A 178 -6.51 -5.49 -5.92
C LYS A 178 -6.87 -6.44 -7.05
N ASP A 179 -6.53 -7.70 -6.86
CA ASP A 179 -6.61 -8.67 -7.93
C ASP A 179 -6.64 -10.01 -7.25
N LYS A 180 -7.33 -10.98 -7.84
CA LYS A 180 -7.27 -12.31 -7.25
C LYS A 180 -5.84 -12.80 -7.08
N LEU A 181 -4.96 -12.45 -8.01
CA LEU A 181 -3.57 -12.88 -7.91
C LEU A 181 -2.86 -12.28 -6.69
N PHE A 182 -3.42 -11.19 -6.13
CA PHE A 182 -2.78 -10.45 -5.05
C PHE A 182 -3.44 -10.68 -3.70
N GLU A 183 -4.39 -11.62 -3.62
CA GLU A 183 -5.23 -11.58 -2.43
C GLU A 183 -4.46 -11.93 -1.16
N ASN A 184 -3.36 -12.66 -1.28
CA ASN A 184 -2.52 -12.95 -0.12
C ASN A 184 -1.38 -11.98 0.06
N TYR A 185 -1.24 -10.98 -0.81
CA TYR A 185 -0.19 -9.97 -0.64
C TYR A 185 -0.68 -8.89 0.29
N THR A 186 0.26 -8.20 0.97
CA THR A 186 -0.07 -7.08 1.82
CA THR A 186 -0.06 -7.06 1.83
C THR A 186 0.99 -6.02 1.56
N TYR A 187 0.57 -4.79 1.26
CA TYR A 187 1.50 -3.73 0.92
C TYR A 187 1.78 -2.90 2.18
N LEU A 188 3.06 -2.77 2.51
CA LEU A 188 3.48 -2.26 3.82
C LEU A 188 4.42 -1.09 3.66
N SER A 189 4.05 0.08 4.19
CA SER A 189 5.05 1.13 4.22
C SER A 189 5.96 0.92 5.43
N LYS A 190 6.96 1.81 5.53
CA LYS A 190 7.87 1.83 6.69
C LYS A 190 7.19 2.16 7.99
N ASN A 191 5.98 2.74 7.94
CA ASN A 191 5.34 3.22 9.15
C ASN A 191 4.28 2.28 9.71
N VAL A 192 4.12 1.07 9.13
CA VAL A 192 3.05 0.19 9.62
C VAL A 192 3.18 0.03 11.14
N VAL A 193 2.05 0.26 11.84
CA VAL A 193 2.11 0.32 13.30
C VAL A 193 2.04 -1.09 13.87
N ASP A 194 2.69 -1.27 15.03
CA ASP A 194 2.77 -2.60 15.57
C ASP A 194 1.46 -3.11 16.15
N ASN A 195 0.46 -2.25 16.28
CA ASN A 195 -0.83 -2.71 16.75
C ASN A 195 -1.89 -2.53 15.67
N TRP A 196 -1.50 -2.71 14.40
CA TRP A 196 -2.50 -2.56 13.34
C TRP A 196 -3.66 -3.53 13.51
N GLU A 197 -3.46 -4.67 14.20
CA GLU A 197 -4.61 -5.58 14.34
C GLU A 197 -5.71 -4.94 15.15
N GLU A 198 -5.34 -4.07 16.08
CA GLU A 198 -6.28 -3.38 16.93
C GLU A 198 -6.79 -2.10 16.32
N VAL A 199 -5.97 -1.39 15.53
CA VAL A 199 -6.37 -0.04 15.11
C VAL A 199 -6.60 0.11 13.62
N CYS A 200 -6.40 -0.92 12.80
CA CYS A 200 -6.61 -0.81 11.36
C CYS A 200 -7.65 -1.81 10.87
N PRO A 201 -8.28 -1.54 9.73
CA PRO A 201 -9.24 -2.49 9.15
C PRO A 201 -8.53 -3.75 8.65
N ARG A 202 -9.24 -4.86 8.71
CA ARG A 202 -8.79 -6.02 7.94
C ARG A 202 -10.02 -6.73 7.39
N LYS A 203 -10.90 -7.16 8.31
CA LYS A 203 -12.07 -7.93 7.92
C LYS A 203 -13.16 -7.02 7.38
N ASN A 204 -13.88 -7.56 6.41
CA ASN A 204 -15.15 -6.97 6.00
C ASN A 204 -16.21 -7.36 7.01
N LEU A 205 -17.21 -6.46 7.22
CA LEU A 205 -18.20 -6.68 8.27
C LEU A 205 -19.49 -7.18 7.65
N GLU A 206 -19.78 -8.44 7.84
CA GLU A 206 -20.95 -9.05 7.23
C GLU A 206 -22.22 -8.62 7.99
N ASN A 207 -23.31 -8.45 7.23
CA ASN A 207 -24.61 -8.10 7.79
C ASN A 207 -24.54 -6.74 8.45
N ALA A 208 -23.63 -5.91 7.99
CA ALA A 208 -23.48 -4.58 8.53
C ALA A 208 -23.30 -3.58 7.40
N LYS A 209 -23.88 -2.40 7.61
CA LYS A 209 -23.73 -1.25 6.74
C LYS A 209 -23.10 -0.12 7.55
N PHE A 210 -22.07 0.55 7.00
CA PHE A 210 -21.59 1.78 7.61
C PHE A 210 -22.66 2.86 7.61
N GLY A 211 -22.76 3.61 8.72
CA GLY A 211 -23.59 4.80 8.79
C GLY A 211 -22.90 5.94 9.54
N LEU A 212 -23.67 7.00 9.78
CA LEU A 212 -23.24 8.16 10.55
C LEU A 212 -24.12 8.29 11.78
N TRP A 213 -23.50 8.42 12.95
CA TRP A 213 -24.26 8.52 14.20
C TRP A 213 -24.77 9.93 14.39
N VAL A 214 -26.07 10.09 14.54
CA VAL A 214 -26.67 11.40 14.68
C VAL A 214 -27.74 11.27 15.76
N ASP A 215 -27.57 11.98 16.87
CA ASP A 215 -28.66 12.13 17.83
C ASP A 215 -29.17 10.78 18.28
N GLY A 216 -28.24 9.90 18.66
CA GLY A 216 -28.54 8.60 19.22
C GLY A 216 -29.03 7.55 18.25
N ASN A 217 -28.86 7.74 16.94
CA ASN A 217 -29.29 6.73 15.97
C ASN A 217 -28.25 6.65 14.86
N CYS A 218 -28.10 5.46 14.29
CA CYS A 218 -27.17 5.26 13.17
C CYS A 218 -27.93 5.49 11.86
N GLU A 219 -27.63 6.62 11.22
CA GLU A 219 -28.29 7.00 9.98
C GLU A 219 -27.48 6.57 8.78
N ASP A 220 -28.16 6.45 7.64
CA ASP A 220 -27.45 6.07 6.41
C ASP A 220 -26.49 7.15 5.95
N ILE A 221 -25.39 6.74 5.31
CA ILE A 221 -24.52 7.73 4.64
C ILE A 221 -25.42 8.49 3.68
N PRO A 222 -25.50 9.79 3.72
CA PRO A 222 -26.58 10.46 2.95
C PRO A 222 -26.32 10.50 1.45
N HIS A 223 -25.05 10.58 1.02
CA HIS A 223 -24.75 10.58 -0.41
C HIS A 223 -23.69 9.53 -0.68
N VAL A 224 -24.02 8.58 -1.55
CA VAL A 224 -23.04 7.57 -1.91
C VAL A 224 -22.97 7.53 -3.43
N ASN A 225 -21.88 6.93 -3.91
CA ASN A 225 -21.62 6.84 -5.34
C ASN A 225 -21.71 5.38 -5.69
N GLU A 226 -22.72 5.03 -6.47
CA GLU A 226 -23.06 3.61 -6.67
C GLU A 226 -22.34 3.08 -7.88
N PHE A 227 -21.54 2.05 -7.65
CA PHE A 227 -20.87 1.32 -8.71
C PHE A 227 -21.33 -0.12 -8.65
N SER A 228 -21.73 -0.67 -9.77
CA SER A 228 -22.17 -2.06 -9.72
C SER A 228 -20.97 -2.98 -9.49
N ALA A 229 -21.22 -4.11 -8.82
CA ALA A 229 -20.12 -5.01 -8.47
C ALA A 229 -20.70 -6.38 -8.26
N ASN A 230 -20.14 -7.38 -8.93
CA ASN A 230 -20.71 -8.72 -8.92
C ASN A 230 -20.57 -9.41 -7.57
N ASP A 231 -19.58 -9.02 -6.78
CA ASP A 231 -19.36 -9.66 -5.49
C ASP A 231 -18.57 -8.72 -4.62
N LEU A 232 -18.29 -9.17 -3.38
CA LEU A 232 -17.57 -8.31 -2.45
C LEU A 232 -16.18 -7.97 -2.97
N PHE A 233 -15.48 -8.96 -3.55
CA PHE A 233 -14.14 -8.70 -4.05
C PHE A 233 -14.16 -7.54 -5.03
N GLU A 234 -15.12 -7.56 -5.96
CA GLU A 234 -15.22 -6.50 -6.97
C GLU A 234 -15.52 -5.16 -6.33
N CYS A 235 -16.33 -5.15 -5.27
CA CYS A 235 -16.57 -3.91 -4.56
C CYS A 235 -15.30 -3.43 -3.85
N ASN A 236 -14.59 -4.35 -3.17
CA ASN A 236 -13.33 -3.93 -2.53
C ASN A 236 -12.35 -3.39 -3.58
N LYS A 237 -12.26 -4.03 -4.75
CA LYS A 237 -11.36 -3.57 -5.80
C LYS A 237 -11.73 -2.13 -6.23
N LEU A 238 -13.02 -1.87 -6.38
CA LEU A 238 -13.46 -0.52 -6.80
C LEU A 238 -13.17 0.52 -5.74
N VAL A 239 -13.46 0.21 -4.47
CA VAL A 239 -13.14 1.15 -3.41
C VAL A 239 -11.64 1.44 -3.42
N PHE A 240 -10.83 0.39 -3.54
CA PHE A 240 -9.40 0.62 -3.63
C PHE A 240 -9.03 1.55 -4.79
N GLU A 241 -9.62 1.31 -5.98
CA GLU A 241 -9.35 2.17 -7.12
C GLU A 241 -9.69 3.61 -6.87
N LEU A 242 -10.72 3.88 -6.07
CA LEU A 242 -11.19 5.23 -5.86
C LEU A 242 -10.64 5.86 -4.59
N SER A 243 -9.83 5.12 -3.83
CA SER A 243 -9.41 5.55 -2.50
C SER A 243 -8.34 6.63 -2.53
N ALA A 244 -8.04 7.11 -1.33
CA ALA A 244 -6.99 8.08 -1.13
C ALA A 244 -5.77 7.75 -1.96
N SER A 245 -5.23 8.76 -2.64
CA SER A 245 -4.11 8.51 -3.51
C SER A 245 -3.19 9.72 -3.52
N ASP A 246 -1.90 9.44 -3.49
CA ASP A 246 -0.89 10.50 -3.37
C ASP A 246 -0.24 10.87 -4.67
N GLN A 247 -0.81 10.47 -5.79
CA GLN A 247 -0.42 11.14 -7.02
C GLN A 247 -1.62 11.14 -7.94
N PRO A 248 -1.68 12.06 -8.89
CA PRO A 248 -2.84 12.12 -9.81
C PRO A 248 -2.94 10.87 -10.68
N LYS A 249 -4.17 10.39 -10.90
CA LYS A 249 -4.32 9.24 -11.77
C LYS A 249 -3.96 9.60 -13.20
N GLN A 250 -4.06 10.88 -13.58
CA GLN A 250 -3.66 11.33 -14.92
C GLN A 250 -2.87 12.64 -14.80
N TYR A 251 -1.54 12.53 -14.76
CA TYR A 251 -0.63 13.67 -14.60
C TYR A 251 -0.99 14.89 -15.46
N TYR A 258 0.57 25.44 -21.86
CA TYR A 258 1.98 25.73 -22.09
C TYR A 258 2.88 24.73 -21.34
N GLU A 259 2.44 24.30 -20.16
CA GLU A 259 3.11 23.20 -19.48
C GLU A 259 3.18 21.96 -20.37
N LYS A 260 2.19 21.80 -21.27
CA LYS A 260 2.22 20.68 -22.21
C LYS A 260 3.35 20.85 -23.23
N ILE A 261 3.52 22.06 -23.77
CA ILE A 261 4.66 22.32 -24.66
C ILE A 261 5.97 21.95 -23.98
N LYS A 262 6.17 22.40 -22.73
CA LYS A 262 7.42 22.11 -22.04
C LYS A 262 7.54 20.64 -21.69
N GLU A 263 6.43 19.91 -21.60
CA GLU A 263 6.54 18.47 -21.40
C GLU A 263 7.07 17.78 -22.65
N GLY A 264 6.84 18.40 -23.82
CA GLY A 264 7.32 17.83 -25.06
C GLY A 264 8.82 17.83 -25.23
N PHE A 265 9.55 18.55 -24.37
CA PHE A 265 11.00 18.52 -24.43
C PHE A 265 11.60 17.43 -23.56
N LYS A 266 10.79 16.76 -22.74
CA LYS A 266 11.32 15.74 -21.86
C LYS A 266 11.66 14.47 -22.64
N ASN A 267 12.68 13.76 -22.17
CA ASN A 267 13.08 12.49 -22.76
C ASN A 267 12.38 11.34 -22.03
N LYS A 268 11.91 10.37 -22.82
CA LYS A 268 11.11 9.27 -22.26
C LYS A 268 11.92 8.42 -21.28
N ASN A 269 13.18 8.14 -21.59
CA ASN A 269 13.97 7.30 -20.69
C ASN A 269 14.26 8.04 -19.39
N ALA A 270 14.57 9.34 -19.48
CA ALA A 270 14.72 10.12 -18.26
C ALA A 270 13.43 10.11 -17.44
N SER A 271 12.29 10.27 -18.10
CA SER A 271 11.00 10.26 -17.43
C SER A 271 10.75 8.94 -16.74
N MET A 272 11.07 7.82 -17.42
CA MET A 272 10.97 6.50 -16.79
C MET A 272 11.68 6.47 -15.44
N ILE A 273 12.92 6.97 -15.43
CA ILE A 273 13.72 6.94 -14.21
C ILE A 273 13.04 7.77 -13.13
N LYS A 274 12.54 8.96 -13.48
CA LYS A 274 11.85 9.77 -12.49
C LYS A 274 10.63 9.03 -11.96
N SER A 275 9.89 8.39 -12.86
CA SER A 275 8.68 7.69 -12.44
C SER A 275 8.99 6.45 -11.64
N ALA A 276 10.22 5.93 -11.73
CA ALA A 276 10.52 4.73 -10.95
C ALA A 276 11.08 5.06 -9.57
N PHE A 277 11.92 6.08 -9.48
CA PHE A 277 12.60 6.39 -8.23
C PHE A 277 12.00 7.58 -7.49
N LEU A 278 11.18 8.41 -8.14
CA LEU A 278 10.36 9.45 -7.50
C LEU A 278 11.18 10.52 -6.76
N PRO A 279 12.12 11.18 -7.41
CA PRO A 279 12.75 12.35 -6.78
C PRO A 279 11.69 13.42 -6.49
N THR A 280 11.70 13.93 -5.26
CA THR A 280 10.65 14.82 -4.79
C THR A 280 10.57 16.08 -5.66
N GLY A 281 11.70 16.51 -6.21
CA GLY A 281 11.70 17.60 -7.17
C GLY A 281 10.61 17.55 -8.23
N ALA A 285 6.21 17.92 -4.08
CA ALA A 285 4.80 18.06 -4.44
C ALA A 285 3.89 17.56 -3.31
N ASP A 286 3.86 18.33 -2.22
CA ASP A 286 2.92 18.05 -1.14
C ASP A 286 1.49 18.30 -1.54
N ARG A 287 1.25 19.10 -2.58
CA ARG A 287 -0.13 19.28 -3.04
C ARG A 287 -0.75 17.92 -3.37
N TYR A 288 0.08 16.95 -3.78
CA TYR A 288 -0.42 15.65 -4.18
C TYR A 288 -0.80 14.76 -3.00
N LYS A 289 -0.28 15.04 -1.80
CA LYS A 289 -0.49 14.13 -0.66
C LYS A 289 -1.96 14.13 -0.21
N SER A 290 -2.54 12.95 -0.09
CA SER A 290 -3.93 12.83 0.36
C SER A 290 -4.06 12.91 1.86
N HIS A 291 -3.00 12.54 2.57
CA HIS A 291 -3.05 12.38 4.03
C HIS A 291 -4.19 11.48 4.46
N GLY A 292 -4.57 10.56 3.57
CA GLY A 292 -5.62 9.61 3.89
C GLY A 292 -7.02 10.04 3.51
N LYS A 293 -7.20 11.22 2.96
CA LYS A 293 -8.56 11.64 2.54
C LYS A 293 -8.91 10.98 1.22
N GLY A 294 -10.13 10.42 1.13
CA GLY A 294 -10.56 9.91 -0.15
C GLY A 294 -11.75 8.99 -0.01
N TYR A 295 -12.06 8.31 -1.12
CA TYR A 295 -13.19 7.38 -1.18
C TYR A 295 -12.72 6.02 -0.67
N ASN A 296 -12.63 5.93 0.66
CA ASN A 296 -11.95 4.81 1.29
C ASN A 296 -12.89 3.72 1.74
N TRP A 297 -14.19 3.95 1.66
CA TRP A 297 -15.18 3.05 2.24
C TRP A 297 -16.23 2.68 1.24
N GLY A 298 -16.82 1.49 1.42
CA GLY A 298 -17.94 1.12 0.58
C GLY A 298 -18.89 0.21 1.35
N ASN A 299 -20.19 0.42 1.17
CA ASN A 299 -21.23 -0.50 1.66
C ASN A 299 -21.61 -1.36 0.48
N TYR A 300 -21.33 -2.65 0.57
CA TYR A 300 -21.66 -3.56 -0.51
C TYR A 300 -23.03 -4.16 -0.22
N ASN A 301 -23.98 -3.86 -1.11
CA ASN A 301 -25.25 -4.55 -1.06
C ASN A 301 -25.16 -5.80 -1.93
N ARG A 302 -25.07 -6.99 -1.31
CA ARG A 302 -24.88 -8.22 -2.07
CA ARG A 302 -24.87 -8.20 -2.09
C ARG A 302 -26.12 -8.63 -2.81
N GLU A 303 -27.28 -8.09 -2.45
CA GLU A 303 -28.51 -8.47 -3.12
C GLU A 303 -28.71 -7.65 -4.40
N THR A 304 -28.51 -6.34 -4.33
CA THR A 304 -28.59 -5.48 -5.53
C THR A 304 -27.26 -5.38 -6.25
N GLN A 305 -26.21 -5.98 -5.72
CA GLN A 305 -24.90 -5.96 -6.37
C GLN A 305 -24.47 -4.51 -6.59
N LYS A 306 -24.65 -3.69 -5.55
CA LYS A 306 -24.21 -2.30 -5.56
C LYS A 306 -23.10 -2.08 -4.56
N CYS A 307 -21.99 -1.49 -5.03
CA CYS A 307 -20.90 -1.04 -4.17
C CYS A 307 -21.15 0.45 -3.96
N GLU A 308 -21.59 0.83 -2.76
CA GLU A 308 -22.04 2.21 -2.47
C GLU A 308 -20.82 2.88 -1.83
N ILE A 309 -20.15 3.73 -2.60
CA ILE A 309 -18.79 4.17 -2.26
C ILE A 309 -18.87 5.61 -1.76
N PHE A 310 -18.14 5.92 -0.68
CA PHE A 310 -18.25 7.25 -0.11
C PHE A 310 -16.91 7.67 0.48
N ASN A 311 -16.82 8.96 0.81
CA ASN A 311 -15.52 9.54 1.18
C ASN A 311 -15.54 10.25 2.53
N VAL A 312 -16.55 9.97 3.36
CA VAL A 312 -16.56 10.54 4.71
C VAL A 312 -16.50 9.39 5.70
N LYS A 313 -15.83 9.61 6.82
CA LYS A 313 -15.63 8.45 7.69
C LYS A 313 -16.97 8.02 8.29
N PRO A 314 -17.19 6.73 8.40
CA PRO A 314 -18.38 6.24 9.08
C PRO A 314 -18.18 6.25 10.59
N THR A 315 -19.28 6.42 11.31
CA THR A 315 -19.18 6.55 12.76
C THR A 315 -20.11 5.59 13.51
N CYS A 316 -20.77 4.67 12.80
CA CYS A 316 -21.56 3.62 13.45
C CYS A 316 -21.81 2.53 12.41
N LEU A 317 -22.44 1.45 12.85
CA LEU A 317 -22.95 0.41 11.95
C LEU A 317 -24.45 0.22 12.08
N ILE A 318 -25.04 -0.13 10.94
CA ILE A 318 -26.45 -0.50 10.86
C ILE A 318 -26.50 -2.00 10.62
N ASN A 319 -27.35 -2.72 11.37
CA ASN A 319 -27.52 -4.15 11.12
C ASN A 319 -28.39 -4.31 9.88
N ASN A 320 -27.84 -4.94 8.83
CA ASN A 320 -28.61 -5.15 7.61
C ASN A 320 -28.05 -6.36 6.90
N SER A 321 -28.86 -7.42 6.79
CA SER A 321 -28.33 -8.67 6.27
C SER A 321 -28.00 -8.61 4.77
N SER A 322 -28.40 -7.55 4.09
CA SER A 322 -28.08 -7.39 2.68
C SER A 322 -26.71 -6.79 2.49
N TYR A 323 -26.03 -6.35 3.54
CA TYR A 323 -24.82 -5.55 3.38
C TYR A 323 -23.57 -6.20 3.93
N ILE A 324 -22.44 -5.83 3.32
CA ILE A 324 -21.09 -6.09 3.88
C ILE A 324 -20.35 -4.78 3.84
N ALA A 325 -19.71 -4.39 4.95
CA ALA A 325 -19.01 -3.12 4.97
C ALA A 325 -17.51 -3.33 4.70
N THR A 326 -16.99 -2.65 3.68
CA THR A 326 -15.62 -2.84 3.24
C THR A 326 -14.87 -1.51 3.25
N THR A 327 -13.55 -1.57 3.23
CA THR A 327 -12.76 -0.36 3.04
C THR A 327 -11.61 -0.68 2.10
N ALA A 328 -10.96 0.39 1.61
CA ALA A 328 -9.88 0.17 0.66
C ALA A 328 -8.72 -0.61 1.30
N LEU A 329 -8.56 -0.50 2.63
CA LEU A 329 -7.51 -1.23 3.33
C LEU A 329 -7.87 -2.68 3.55
N SER A 330 -9.16 -2.99 3.63
CA SER A 330 -9.59 -4.32 4.05
C SER A 330 -9.22 -5.38 3.02
N HIS A 331 -9.04 -6.58 3.54
CA HIS A 331 -8.88 -7.75 2.72
C HIS A 331 -10.10 -7.85 1.79
N PRO A 332 -9.92 -8.38 0.57
CA PRO A 332 -11.06 -8.38 -0.36
C PRO A 332 -12.02 -9.55 -0.17
N ILE A 333 -11.72 -10.50 0.73
CA ILE A 333 -12.57 -11.69 0.86
C ILE A 333 -13.06 -11.87 2.32
N GLU A 334 -12.14 -11.78 3.29
CA GLU A 334 -12.43 -12.20 4.66
C GLU A 334 -13.57 -11.41 5.25
N VAL A 335 -14.50 -12.11 5.91
CA VAL A 335 -15.58 -11.46 6.63
C VAL A 335 -15.56 -11.85 8.09
N GLU A 336 -16.15 -10.97 8.88
CA GLU A 336 -16.51 -11.33 10.24
C GLU A 336 -17.86 -10.74 10.62
N CYS B 1 25.03 -2.93 -1.32
CA CYS B 1 24.73 -1.50 -1.35
C CYS B 1 24.07 -0.93 -0.09
N TRP B 2 23.74 -1.79 0.87
CA TRP B 2 22.95 -1.36 2.03
C TRP B 2 23.73 -1.64 3.31
N THR B 3 23.38 -0.89 4.34
CA THR B 3 23.94 -1.07 5.68
C THR B 3 22.77 -1.22 6.63
N THR B 4 22.81 -2.22 7.54
CA THR B 4 21.70 -2.36 8.48
C THR B 4 21.71 -1.23 9.49
N ARG B 5 20.52 -0.79 9.88
CA ARG B 5 20.36 0.26 10.85
C ARG B 5 20.37 -0.26 12.28
N MET B 6 19.82 -1.44 12.51
CA MET B 6 19.81 -2.01 13.84
C MET B 6 21.10 -2.78 14.10
N SER B 7 21.58 -2.71 15.33
CA SER B 7 22.77 -3.45 15.71
C SER B 7 22.52 -4.95 15.62
N PRO B 8 23.54 -5.76 15.24
CA PRO B 8 24.87 -5.22 14.94
C PRO B 8 24.93 -4.70 13.50
N PRO B 9 25.42 -3.50 13.31
CA PRO B 9 25.42 -2.93 11.95
C PRO B 9 26.22 -3.82 11.02
N MET B 10 25.74 -3.96 9.80
CA MET B 10 26.31 -4.92 8.87
C MET B 10 26.20 -4.37 7.46
N GLN B 11 27.22 -4.62 6.65
CA GLN B 11 27.20 -4.27 5.24
C GLN B 11 26.54 -5.42 4.50
N ILE B 12 25.58 -5.07 3.64
CA ILE B 12 24.89 -6.04 2.81
C ILE B 12 24.91 -5.37 1.45
N PRO B 13 26.06 -5.49 0.74
CA PRO B 13 26.76 -4.62 -0.19
C PRO B 13 26.08 -3.36 -0.59
#